data_1D6J
#
_entry.id   1D6J
#
_cell.length_a   78.862
_cell.length_b   83.484
_cell.length_c   141.951
_cell.angle_alpha   90.00
_cell.angle_beta   90.00
_cell.angle_gamma   90.00
#
_symmetry.space_group_name_H-M   'C 2 2 21'
#
loop_
_entity.id
_entity.type
_entity.pdbx_description
1 polymer "ADENOSINE-5'PHOSPHOSULFATE KINASE"
2 non-polymer 'L(+)-TARTARIC ACID'
3 water water
#
_entity_poly.entity_id   1
_entity_poly.type   'polypeptide(L)'
_entity_poly.pdbx_seq_one_letter_code
;MSTNITFHASALTRSERTELRNQRGLTIWLTGLSASGKSTLAVELEHQLVRDRRVHAYRLDGDNIRFGLNKDLGFSEADR
NENIRRIAEVAKLFADSNSIAITSFISPYRKDRDTARQLHEVATPGEETGLPFVEVYVDVPVEVAEQRDPKGLYKKAREG
VIKEFTGISAPYEAPANPEVHVKNYELPVQDAVKQIIDYLDTKGYLPAKKE
;
_entity_poly.pdbx_strand_id   A,B
#
loop_
_chem_comp.id
_chem_comp.type
_chem_comp.name
_chem_comp.formula
TLA non-polymer 'L(+)-TARTARIC ACID' 'C4 H6 O6'
#
# COMPACT_ATOMS: atom_id res chain seq x y z
N HIS A 8 12.58 -14.81 10.83
CA HIS A 8 12.46 -14.17 12.19
C HIS A 8 13.22 -12.86 12.31
N ALA A 9 14.54 -12.95 12.30
CA ALA A 9 15.44 -11.81 12.47
C ALA A 9 15.24 -10.61 11.56
N SER A 10 15.58 -10.76 10.27
CA SER A 10 15.43 -9.66 9.35
C SER A 10 14.18 -9.84 8.48
N ALA A 11 13.71 -8.73 7.92
CA ALA A 11 12.52 -8.73 7.11
C ALA A 11 12.63 -9.53 5.82
N LEU A 12 11.47 -9.95 5.32
CA LEU A 12 11.28 -10.69 4.09
C LEU A 12 12.12 -10.00 3.00
N THR A 13 12.87 -10.76 2.17
CA THR A 13 13.66 -10.13 1.08
C THR A 13 12.73 -10.05 -0.14
N ARG A 14 13.10 -9.29 -1.18
CA ARG A 14 12.23 -9.25 -2.37
C ARG A 14 12.05 -10.69 -2.97
N SER A 15 13.13 -11.48 -3.01
CA SER A 15 13.05 -12.87 -3.55
C SER A 15 12.00 -13.68 -2.83
N GLU A 16 12.10 -13.65 -1.52
CA GLU A 16 11.13 -14.43 -0.77
C GLU A 16 9.71 -13.99 -1.02
N ARG A 17 9.51 -12.68 -0.92
CA ARG A 17 8.15 -12.16 -1.08
C ARG A 17 7.64 -12.52 -2.46
N THR A 18 8.44 -12.22 -3.46
CA THR A 18 8.01 -12.53 -4.84
C THR A 18 7.67 -14.01 -4.92
N GLU A 19 8.61 -14.81 -4.42
CA GLU A 19 8.40 -16.24 -4.39
C GLU A 19 7.04 -16.56 -3.76
N LEU A 20 6.83 -16.11 -2.52
CA LEU A 20 5.58 -16.39 -1.78
C LEU A 20 4.35 -15.76 -2.33
N ARG A 21 4.51 -14.55 -2.90
CA ARG A 21 3.35 -13.84 -3.45
C ARG A 21 3.01 -14.29 -4.88
N ASN A 22 3.98 -14.90 -5.55
CA ASN A 22 3.71 -15.45 -6.88
C ASN A 22 3.35 -14.42 -7.95
N GLN A 23 3.98 -13.23 -7.90
CA GLN A 23 3.72 -12.20 -8.91
C GLN A 23 4.79 -11.17 -8.66
N ARG A 24 5.13 -10.37 -9.64
CA ARG A 24 6.12 -9.36 -9.38
C ARG A 24 5.38 -8.09 -8.93
N GLY A 25 6.14 -7.15 -8.39
CA GLY A 25 5.54 -5.90 -7.96
C GLY A 25 5.96 -4.82 -8.96
N LEU A 26 5.04 -3.93 -9.31
CA LEU A 26 5.40 -2.88 -10.26
C LEU A 26 4.31 -1.83 -10.20
N THR A 27 4.53 -0.80 -10.97
CA THR A 27 3.60 0.29 -11.04
C THR A 27 3.28 0.56 -12.50
N ILE A 28 2.00 0.72 -12.74
CA ILE A 28 1.50 1.01 -14.06
C ILE A 28 0.91 2.41 -13.99
N TRP A 29 1.44 3.31 -14.77
CA TRP A 29 1.01 4.69 -14.78
C TRP A 29 0.37 5.04 -16.11
N LEU A 30 -0.96 5.20 -16.13
CA LEU A 30 -1.65 5.52 -17.36
C LEU A 30 -1.66 7.02 -17.57
N THR A 31 -1.11 7.45 -18.69
CA THR A 31 -1.00 8.88 -18.98
C THR A 31 -1.72 9.22 -20.28
N GLY A 32 -2.31 10.40 -20.34
CA GLY A 32 -3.04 10.83 -21.51
C GLY A 32 -3.89 12.06 -21.18
N LEU A 33 -4.56 12.63 -22.18
CA LEU A 33 -5.43 13.76 -21.96
C LEU A 33 -6.52 13.35 -20.94
N SER A 34 -7.11 14.35 -20.28
CA SER A 34 -8.14 14.11 -19.29
C SER A 34 -9.29 13.33 -19.87
N ALA A 35 -9.53 13.58 -21.14
CA ALA A 35 -10.62 12.91 -21.82
C ALA A 35 -10.20 11.63 -22.51
N SER A 36 -8.95 11.23 -22.35
CA SER A 36 -8.47 10.02 -23.01
C SER A 36 -9.13 8.72 -22.61
N GLY A 37 -9.84 8.70 -21.50
CA GLY A 37 -10.46 7.45 -21.01
C GLY A 37 -9.48 6.62 -20.14
N LYS A 38 -8.33 7.21 -19.81
CA LYS A 38 -7.31 6.51 -19.01
C LYS A 38 -7.85 6.00 -17.67
N SER A 39 -8.72 6.77 -17.05
CA SER A 39 -9.27 6.33 -15.78
C SER A 39 -10.10 5.07 -15.96
N THR A 40 -10.90 5.04 -17.02
CA THR A 40 -11.75 3.86 -17.26
C THR A 40 -10.93 2.65 -17.51
N LEU A 41 -9.82 2.82 -18.20
CA LEU A 41 -8.95 1.71 -18.49
C LEU A 41 -8.32 1.22 -17.21
N ALA A 42 -7.92 2.14 -16.32
CA ALA A 42 -7.29 1.73 -15.05
C ALA A 42 -8.22 0.82 -14.26
N VAL A 43 -9.49 1.20 -14.20
CA VAL A 43 -10.51 0.45 -13.45
C VAL A 43 -10.68 -0.96 -13.99
N GLU A 44 -10.85 -1.06 -15.30
CA GLU A 44 -11.04 -2.37 -15.96
C GLU A 44 -9.77 -3.18 -15.82
N LEU A 45 -8.63 -2.49 -15.95
CA LEU A 45 -7.31 -3.14 -15.81
C LEU A 45 -7.14 -3.77 -14.41
N GLU A 46 -7.46 -3.02 -13.37
CA GLU A 46 -7.34 -3.56 -12.00
C GLU A 46 -8.30 -4.78 -11.87
N HIS A 47 -9.52 -4.60 -12.32
CA HIS A 47 -10.52 -5.64 -12.25
C HIS A 47 -10.08 -6.97 -12.87
N GLN A 48 -9.59 -6.90 -14.10
CA GLN A 48 -9.13 -8.12 -14.77
C GLN A 48 -7.88 -8.68 -14.12
N LEU A 49 -7.03 -7.81 -13.61
CA LEU A 49 -5.83 -8.37 -13.01
C LEU A 49 -6.19 -9.17 -11.73
N VAL A 50 -7.09 -8.63 -10.95
CA VAL A 50 -7.43 -9.29 -9.72
C VAL A 50 -8.36 -10.47 -9.97
N ARG A 51 -9.39 -10.25 -10.78
CA ARG A 51 -10.34 -11.32 -11.05
C ARG A 51 -9.80 -12.34 -12.03
N ASP A 52 -9.51 -11.91 -13.26
CA ASP A 52 -9.06 -12.88 -14.23
C ASP A 52 -7.63 -13.39 -14.06
N ARG A 53 -6.73 -12.62 -13.46
CA ARG A 53 -5.39 -13.16 -13.32
C ARG A 53 -5.01 -13.56 -11.90
N ARG A 54 -5.95 -13.38 -10.97
CA ARG A 54 -5.72 -13.75 -9.58
C ARG A 54 -4.57 -13.11 -8.82
N VAL A 55 -4.11 -11.92 -9.26
CA VAL A 55 -3.02 -11.27 -8.56
C VAL A 55 -3.50 -10.14 -7.66
N HIS A 56 -2.58 -9.65 -6.86
CA HIS A 56 -2.98 -8.54 -6.01
C HIS A 56 -2.61 -7.30 -6.89
N ALA A 57 -3.58 -6.43 -7.18
CA ALA A 57 -3.34 -5.20 -7.94
C ALA A 57 -4.23 -4.16 -7.23
N TYR A 58 -3.85 -2.89 -7.29
CA TYR A 58 -4.64 -1.85 -6.62
C TYR A 58 -4.53 -0.53 -7.34
N ARG A 59 -5.69 0.03 -7.65
CA ARG A 59 -5.81 1.33 -8.32
C ARG A 59 -5.83 2.44 -7.25
N LEU A 60 -4.86 3.33 -7.34
CA LEU A 60 -4.72 4.46 -6.45
C LEU A 60 -5.64 5.47 -7.10
N ASP A 61 -6.82 5.61 -6.53
CA ASP A 61 -7.83 6.50 -7.06
C ASP A 61 -7.57 7.95 -6.70
N GLY A 62 -7.72 8.86 -7.67
CA GLY A 62 -7.48 10.27 -7.46
C GLY A 62 -8.15 10.87 -6.25
N ASP A 63 -9.43 10.63 -6.12
CA ASP A 63 -10.17 11.14 -4.98
C ASP A 63 -9.84 10.40 -3.65
N ASN A 64 -9.65 9.10 -3.63
CA ASN A 64 -9.24 8.52 -2.34
C ASN A 64 -7.92 9.20 -1.90
N ILE A 65 -7.04 9.46 -2.88
CA ILE A 65 -5.75 10.10 -2.56
C ILE A 65 -5.92 11.55 -2.11
N ARG A 66 -6.68 12.33 -2.89
CA ARG A 66 -6.88 13.73 -2.52
C ARG A 66 -7.55 13.95 -1.17
N PHE A 67 -8.56 13.14 -0.88
CA PHE A 67 -9.30 13.28 0.37
C PHE A 67 -8.64 12.64 1.55
N GLY A 68 -7.58 11.86 1.29
CA GLY A 68 -6.92 11.20 2.41
C GLY A 68 -5.47 11.63 2.56
N LEU A 69 -4.55 10.81 2.04
CA LEU A 69 -3.13 11.08 2.16
C LEU A 69 -2.74 12.55 1.73
N ASN A 70 -3.30 13.02 0.61
CA ASN A 70 -2.89 14.32 0.05
C ASN A 70 -3.86 15.47 0.33
N LYS A 71 -4.68 15.32 1.38
CA LYS A 71 -5.71 16.33 1.65
C LYS A 71 -5.16 17.66 2.06
N ASP A 72 -3.91 17.64 2.53
CA ASP A 72 -3.29 18.90 2.96
C ASP A 72 -2.77 19.74 1.78
N LEU A 73 -2.77 19.15 0.58
CA LEU A 73 -2.18 19.81 -0.58
C LEU A 73 -3.15 20.65 -1.39
N GLY A 74 -2.70 21.84 -1.80
CA GLY A 74 -3.58 22.64 -2.62
C GLY A 74 -3.11 22.67 -4.06
N PHE A 75 -2.99 23.86 -4.63
CA PHE A 75 -2.72 23.98 -6.06
C PHE A 75 -1.57 24.86 -6.49
N SER A 76 -0.69 25.22 -5.57
CA SER A 76 0.53 25.97 -5.97
C SER A 76 1.31 24.92 -6.80
N GLU A 77 2.32 25.36 -7.51
CA GLU A 77 3.12 24.42 -8.30
C GLU A 77 3.86 23.48 -7.34
N ALA A 78 4.30 23.94 -6.17
CA ALA A 78 5.00 23.00 -5.28
C ALA A 78 4.06 21.88 -4.82
N ASP A 79 2.82 22.25 -4.57
CA ASP A 79 1.81 21.27 -4.13
C ASP A 79 1.44 20.33 -5.26
N ARG A 80 1.40 20.84 -6.48
CA ARG A 80 1.10 19.98 -7.63
C ARG A 80 2.23 18.90 -7.75
N ASN A 81 3.50 19.33 -7.62
CA ASN A 81 4.63 18.40 -7.64
C ASN A 81 4.59 17.42 -6.45
N GLU A 82 4.21 17.93 -5.28
CA GLU A 82 4.17 17.10 -4.09
C GLU A 82 3.09 16.04 -4.23
N ASN A 83 1.96 16.37 -4.82
CA ASN A 83 0.90 15.37 -5.01
C ASN A 83 1.48 14.20 -5.78
N ILE A 84 2.18 14.51 -6.85
CA ILE A 84 2.72 13.43 -7.72
C ILE A 84 3.77 12.65 -6.97
N ARG A 85 4.58 13.36 -6.20
CA ARG A 85 5.64 12.69 -5.49
C ARG A 85 5.10 11.69 -4.49
N ARG A 86 4.13 12.08 -3.67
CA ARG A 86 3.58 11.16 -2.70
C ARG A 86 2.88 9.95 -3.36
N ILE A 87 2.12 10.21 -4.43
CA ILE A 87 1.43 9.09 -5.09
C ILE A 87 2.47 8.12 -5.65
N ALA A 88 3.56 8.66 -6.18
CA ALA A 88 4.62 7.80 -6.75
C ALA A 88 5.25 6.98 -5.63
N GLU A 89 5.49 7.58 -4.46
CA GLU A 89 6.13 6.83 -3.38
C GLU A 89 5.19 5.77 -2.88
N VAL A 90 3.88 6.07 -2.91
CA VAL A 90 2.90 5.09 -2.43
C VAL A 90 2.83 3.91 -3.42
N ALA A 91 2.82 4.21 -4.71
CA ALA A 91 2.80 3.16 -5.76
C ALA A 91 4.05 2.27 -5.51
N LYS A 92 5.19 2.92 -5.26
CA LYS A 92 6.42 2.18 -5.06
C LYS A 92 6.32 1.26 -3.84
N LEU A 93 5.63 1.70 -2.80
CA LEU A 93 5.42 0.83 -1.65
C LEU A 93 4.55 -0.36 -2.04
N PHE A 94 3.49 -0.12 -2.81
CA PHE A 94 2.68 -1.26 -3.25
C PHE A 94 3.54 -2.22 -4.09
N ALA A 95 4.35 -1.68 -4.98
CA ALA A 95 5.20 -2.47 -5.84
C ALA A 95 6.17 -3.26 -4.95
N ASP A 96 6.73 -2.61 -3.94
CA ASP A 96 7.62 -3.30 -2.98
C ASP A 96 6.91 -4.47 -2.28
N SER A 97 5.61 -4.38 -2.07
CA SER A 97 4.87 -5.45 -1.38
C SER A 97 4.44 -6.56 -2.37
N ASN A 98 4.94 -6.48 -3.60
CA ASN A 98 4.59 -7.37 -4.71
C ASN A 98 3.17 -7.23 -5.13
N SER A 99 2.73 -5.96 -5.25
CA SER A 99 1.36 -5.71 -5.75
C SER A 99 1.55 -4.92 -7.03
N ILE A 100 0.54 -4.90 -7.89
CA ILE A 100 0.64 -4.08 -9.09
C ILE A 100 -0.17 -2.80 -8.77
N ALA A 101 0.56 -1.70 -8.57
CA ALA A 101 -0.06 -0.41 -8.27
C ALA A 101 -0.49 0.15 -9.61
N ILE A 102 -1.68 0.72 -9.64
CA ILE A 102 -2.17 1.28 -10.91
C ILE A 102 -2.67 2.69 -10.69
N THR A 103 -2.37 3.63 -11.59
CA THR A 103 -2.86 4.98 -11.41
C THR A 103 -2.96 5.73 -12.70
N SER A 104 -3.93 6.63 -12.72
CA SER A 104 -4.12 7.47 -13.87
C SER A 104 -4.17 8.89 -13.31
N PHE A 105 -3.44 9.12 -12.22
CA PHE A 105 -3.46 10.46 -11.59
C PHE A 105 -3.03 11.55 -12.53
N ILE A 106 -3.74 12.67 -12.49
CA ILE A 106 -3.39 13.79 -13.38
C ILE A 106 -1.88 14.10 -13.34
N SER A 107 -1.25 14.23 -14.53
CA SER A 107 0.22 14.46 -14.61
C SER A 107 0.52 14.79 -16.07
N PRO A 108 0.17 16.00 -16.48
CA PRO A 108 0.37 16.41 -17.88
C PRO A 108 1.74 16.41 -18.49
N TYR A 109 2.74 16.64 -17.66
CA TYR A 109 4.07 16.78 -18.15
C TYR A 109 4.89 15.56 -18.07
N ARG A 110 5.83 15.48 -19.01
CA ARG A 110 6.72 14.36 -19.05
C ARG A 110 7.47 14.36 -17.76
N LYS A 111 7.84 15.55 -17.31
CA LYS A 111 8.62 15.56 -16.06
C LYS A 111 7.84 14.95 -14.87
N ASP A 112 6.51 15.04 -14.89
CA ASP A 112 5.71 14.46 -13.79
C ASP A 112 5.91 12.94 -13.79
N ARG A 113 5.68 12.30 -14.94
CA ARG A 113 5.89 10.85 -14.97
C ARG A 113 7.39 10.47 -14.82
N ASP A 114 8.30 11.25 -15.40
CA ASP A 114 9.74 10.96 -15.27
C ASP A 114 10.15 10.98 -13.82
N THR A 115 9.60 11.94 -13.06
CA THR A 115 9.90 11.94 -11.64
C THR A 115 9.40 10.68 -10.97
N ALA A 116 8.17 10.23 -11.26
CA ALA A 116 7.70 8.98 -10.63
C ALA A 116 8.62 7.79 -11.09
N ARG A 117 8.93 7.80 -12.37
CA ARG A 117 9.77 6.74 -12.96
C ARG A 117 11.11 6.67 -12.22
N GLN A 118 11.71 7.84 -12.06
CA GLN A 118 13.01 7.89 -11.38
C GLN A 118 12.96 7.34 -9.95
N LEU A 119 11.89 7.58 -9.20
CA LEU A 119 11.80 7.05 -7.81
C LEU A 119 11.71 5.55 -7.84
N HIS A 120 11.00 5.01 -8.84
CA HIS A 120 10.91 3.55 -8.97
C HIS A 120 12.26 2.92 -9.35
N GLU A 121 13.03 3.58 -10.23
CA GLU A 121 14.34 3.03 -10.64
C GLU A 121 15.34 3.09 -9.49
N VAL A 122 15.22 4.10 -8.63
CA VAL A 122 16.11 4.22 -7.46
C VAL A 122 15.93 2.95 -6.67
N ALA A 123 17.02 2.25 -6.43
CA ALA A 123 16.98 0.99 -5.71
C ALA A 123 16.47 1.06 -4.27
N THR A 124 16.21 -0.11 -3.70
CA THR A 124 15.80 -0.17 -2.30
C THR A 124 16.60 -1.28 -1.61
N PRO A 125 16.72 -1.21 -0.28
CA PRO A 125 17.48 -2.26 0.40
C PRO A 125 16.84 -3.63 0.14
N GLY A 126 15.79 -3.63 -0.69
CA GLY A 126 15.13 -4.88 -1.05
C GLY A 126 15.90 -5.53 -2.20
N GLU A 127 16.95 -4.84 -2.66
CA GLU A 127 17.82 -5.33 -3.75
C GLU A 127 18.87 -4.28 -4.20
N GLU A 128 19.40 -4.48 -5.41
CA GLU A 128 20.35 -3.56 -6.00
C GLU A 128 19.60 -3.02 -7.22
N THR A 129 18.32 -3.36 -7.27
CA THR A 129 17.53 -2.91 -8.38
C THR A 129 16.25 -2.17 -7.96
N GLY A 130 15.70 -1.40 -8.89
CA GLY A 130 14.48 -0.67 -8.61
C GLY A 130 13.30 -1.58 -8.90
N LEU A 131 12.13 -0.96 -9.09
CA LEU A 131 10.91 -1.69 -9.37
C LEU A 131 10.36 -1.18 -10.69
N PRO A 132 9.78 -2.06 -11.47
CA PRO A 132 9.26 -1.66 -12.76
C PRO A 132 8.24 -0.53 -12.78
N PHE A 133 8.44 0.41 -13.69
CA PHE A 133 7.51 1.50 -13.86
C PHE A 133 7.05 1.33 -15.32
N VAL A 134 5.75 1.12 -15.52
CA VAL A 134 5.17 0.91 -16.83
C VAL A 134 4.24 2.02 -17.17
N GLU A 135 4.75 2.90 -18.01
CA GLU A 135 3.99 4.06 -18.44
C GLU A 135 3.15 3.67 -19.65
N VAL A 136 1.84 3.80 -19.50
CA VAL A 136 0.88 3.45 -20.57
C VAL A 136 0.27 4.71 -21.17
N TYR A 137 0.61 4.96 -22.42
CA TYR A 137 0.07 6.13 -23.08
C TYR A 137 -1.31 5.82 -23.65
N VAL A 138 -2.36 6.43 -23.08
CA VAL A 138 -3.72 6.21 -23.60
C VAL A 138 -3.93 7.37 -24.56
N ASP A 139 -3.69 7.09 -25.83
CA ASP A 139 -3.72 8.10 -26.93
C ASP A 139 -5.07 8.16 -27.66
N VAL A 140 -5.62 9.36 -27.80
CA VAL A 140 -6.86 9.54 -28.48
C VAL A 140 -6.65 10.62 -29.57
N PRO A 141 -7.50 10.61 -30.59
CA PRO A 141 -7.44 11.55 -31.71
C PRO A 141 -7.67 12.96 -31.20
N VAL A 142 -6.72 13.86 -31.43
CA VAL A 142 -7.00 15.23 -31.01
C VAL A 142 -7.67 15.63 -32.28
N GLU A 143 -8.96 15.30 -32.26
CA GLU A 143 -9.92 15.49 -33.34
C GLU A 143 -11.28 15.17 -32.72
N ALA A 170 -1.76 24.33 -18.89
CA ALA A 170 -1.43 22.92 -18.73
C ALA A 170 -1.58 22.13 -20.05
N PRO A 171 -0.60 22.28 -20.98
CA PRO A 171 -0.70 21.54 -22.24
C PRO A 171 -0.09 20.16 -22.09
N TYR A 172 -0.94 19.15 -22.15
CA TYR A 172 -0.50 17.77 -22.04
C TYR A 172 0.74 17.43 -22.87
N GLU A 173 1.71 16.73 -22.28
CA GLU A 173 2.91 16.27 -23.02
C GLU A 173 2.88 14.74 -23.11
N ALA A 174 2.87 14.23 -24.35
CA ALA A 174 2.75 12.79 -24.55
C ALA A 174 4.08 12.22 -24.17
N PRO A 175 4.10 10.97 -23.71
CA PRO A 175 5.42 10.48 -23.36
C PRO A 175 6.27 10.19 -24.63
N ALA A 176 7.59 10.22 -24.47
CA ALA A 176 8.50 9.99 -25.57
C ALA A 176 8.69 8.52 -25.89
N ASN A 177 8.59 7.68 -24.85
CA ASN A 177 8.88 6.28 -25.02
C ASN A 177 8.06 5.40 -24.07
N PRO A 178 6.73 5.46 -24.15
CA PRO A 178 5.99 4.61 -23.20
C PRO A 178 6.20 3.12 -23.37
N GLU A 179 6.08 2.36 -22.29
CA GLU A 179 6.19 0.93 -22.37
C GLU A 179 4.96 0.43 -23.16
N VAL A 180 3.83 1.10 -23.04
CA VAL A 180 2.66 0.61 -23.76
C VAL A 180 1.97 1.78 -24.38
N HIS A 181 1.57 1.59 -25.64
CA HIS A 181 0.88 2.64 -26.35
C HIS A 181 -0.49 2.14 -26.81
N VAL A 182 -1.55 2.69 -26.22
CA VAL A 182 -2.90 2.27 -26.51
C VAL A 182 -3.59 3.37 -27.30
N LYS A 183 -4.04 3.07 -28.51
CA LYS A 183 -4.70 4.06 -29.36
C LYS A 183 -6.18 3.81 -29.08
N ASN A 184 -6.67 4.56 -28.09
CA ASN A 184 -8.03 4.41 -27.59
C ASN A 184 -9.08 5.09 -28.44
N TYR A 185 -9.24 4.62 -29.67
CA TYR A 185 -10.26 5.16 -30.55
C TYR A 185 -11.06 3.98 -31.07
N GLU A 186 -12.35 3.95 -30.79
CA GLU A 186 -13.19 2.83 -31.21
C GLU A 186 -12.48 1.54 -30.81
N LEU A 187 -12.05 1.45 -29.56
CA LEU A 187 -11.35 0.26 -29.09
C LEU A 187 -12.09 -0.27 -27.84
N PRO A 188 -12.59 -1.51 -27.90
CA PRO A 188 -13.30 -1.99 -26.69
C PRO A 188 -12.38 -1.86 -25.49
N VAL A 189 -12.91 -1.43 -24.34
CA VAL A 189 -12.06 -1.34 -23.13
C VAL A 189 -11.39 -2.68 -22.84
N GLN A 190 -12.09 -3.78 -23.05
CA GLN A 190 -11.52 -5.10 -22.80
C GLN A 190 -10.30 -5.34 -23.68
N ASP A 191 -10.28 -4.78 -24.90
CA ASP A 191 -9.11 -5.02 -25.76
C ASP A 191 -7.96 -4.12 -25.36
N ALA A 192 -8.32 -2.93 -24.94
CA ALA A 192 -7.32 -1.96 -24.47
C ALA A 192 -6.56 -2.61 -23.30
N VAL A 193 -7.30 -3.12 -22.36
CA VAL A 193 -6.68 -3.77 -21.19
C VAL A 193 -5.91 -5.01 -21.56
N LYS A 194 -6.42 -5.81 -22.51
CA LYS A 194 -5.63 -7.01 -22.89
C LYS A 194 -4.29 -6.61 -23.43
N GLN A 195 -4.29 -5.47 -24.09
CA GLN A 195 -3.05 -4.98 -24.67
C GLN A 195 -2.10 -4.71 -23.53
N ILE A 196 -2.59 -4.05 -22.49
CA ILE A 196 -1.70 -3.78 -21.35
C ILE A 196 -1.22 -5.09 -20.69
N ILE A 197 -2.15 -5.98 -20.39
CA ILE A 197 -1.78 -7.21 -19.70
C ILE A 197 -0.84 -8.04 -20.55
N ASP A 198 -1.13 -8.19 -21.85
CA ASP A 198 -0.20 -8.96 -22.67
C ASP A 198 1.20 -8.36 -22.55
N TYR A 199 1.32 -7.03 -22.54
CA TYR A 199 2.68 -6.49 -22.37
C TYR A 199 3.29 -6.95 -21.03
N LEU A 200 2.46 -7.04 -19.98
CA LEU A 200 2.96 -7.46 -18.68
C LEU A 200 3.50 -8.91 -18.84
N ASP A 201 2.74 -9.75 -19.52
CA ASP A 201 3.18 -11.14 -19.75
C ASP A 201 4.47 -11.20 -20.52
N THR A 202 4.68 -10.33 -21.52
CA THR A 202 5.96 -10.33 -22.21
C THR A 202 7.12 -10.05 -21.26
N LYS A 203 6.89 -9.41 -20.11
CA LYS A 203 8.04 -9.12 -19.21
C LYS A 203 8.13 -10.13 -18.10
N GLY A 204 7.16 -11.04 -18.05
CA GLY A 204 7.11 -12.06 -17.01
C GLY A 204 6.63 -11.58 -15.64
N TYR A 205 5.90 -10.48 -15.61
CA TYR A 205 5.42 -9.90 -14.34
C TYR A 205 4.31 -10.66 -13.66
N LEU A 206 3.61 -11.46 -14.44
CA LEU A 206 2.49 -12.19 -13.91
C LEU A 206 2.63 -13.69 -13.91
N PRO A 207 1.82 -14.37 -13.09
CA PRO A 207 1.91 -15.84 -13.10
C PRO A 207 0.95 -16.26 -14.25
N ALA A 208 1.22 -17.39 -14.91
CA ALA A 208 0.35 -17.84 -16.01
C ALA A 208 -1.11 -17.98 -15.54
N LYS A 209 -2.07 -17.79 -16.45
CA LYS A 209 -3.49 -17.89 -16.09
C LYS A 209 -3.97 -19.32 -15.85
N LYS A 210 -5.27 -19.47 -15.67
CA LYS A 210 -5.87 -20.79 -15.43
C LYS A 210 -7.32 -20.79 -15.89
N HIS B 8 -17.96 -3.67 -13.91
CA HIS B 8 -16.69 -3.31 -14.59
C HIS B 8 -16.78 -1.92 -15.23
N ALA B 9 -17.87 -1.20 -14.93
CA ALA B 9 -18.09 0.15 -15.43
C ALA B 9 -17.80 1.04 -14.24
N SER B 10 -18.19 0.49 -13.10
CA SER B 10 -18.02 1.01 -11.76
C SER B 10 -17.59 -0.36 -11.21
N ALA B 11 -16.30 -0.66 -11.37
CA ALA B 11 -15.78 -1.97 -11.01
C ALA B 11 -14.97 -2.19 -9.74
N LEU B 12 -15.13 -3.40 -9.22
CA LEU B 12 -14.49 -3.93 -8.01
C LEU B 12 -14.97 -3.27 -6.74
N THR B 13 -15.78 -4.01 -6.00
CA THR B 13 -16.26 -3.51 -4.71
C THR B 13 -15.47 -4.29 -3.69
N ARG B 14 -15.51 -3.82 -2.46
CA ARG B 14 -14.79 -4.46 -1.38
C ARG B 14 -15.15 -5.95 -1.35
N SER B 15 -16.46 -6.23 -1.34
CA SER B 15 -16.98 -7.60 -1.28
C SER B 15 -16.42 -8.45 -2.40
N GLU B 16 -16.46 -7.94 -3.63
CA GLU B 16 -15.92 -8.70 -4.72
C GLU B 16 -14.41 -8.89 -4.57
N ARG B 17 -13.69 -7.85 -4.14
CA ARG B 17 -12.25 -7.94 -3.96
C ARG B 17 -11.93 -8.93 -2.81
N THR B 18 -12.69 -8.85 -1.73
CA THR B 18 -12.44 -9.73 -0.58
C THR B 18 -12.55 -11.19 -1.01
N GLU B 19 -13.66 -11.46 -1.70
CA GLU B 19 -13.96 -12.77 -2.28
C GLU B 19 -12.82 -13.19 -3.20
N LEU B 20 -12.35 -12.29 -4.06
CA LEU B 20 -11.26 -12.67 -4.97
C LEU B 20 -9.87 -12.71 -4.38
N ARG B 21 -9.59 -11.90 -3.35
CA ARG B 21 -8.25 -11.91 -2.77
C ARG B 21 -8.14 -12.97 -1.69
N ASN B 22 -9.31 -13.42 -1.22
CA ASN B 22 -9.38 -14.48 -0.21
C ASN B 22 -8.62 -14.14 1.06
N GLN B 23 -9.03 -13.05 1.68
CA GLN B 23 -8.49 -12.53 2.93
C GLN B 23 -9.16 -11.19 3.03
N ARG B 24 -9.28 -10.70 4.25
CA ARG B 24 -9.86 -9.38 4.43
C ARG B 24 -8.69 -8.39 4.46
N GLY B 25 -8.99 -7.12 4.28
CA GLY B 25 -7.92 -6.13 4.35
C GLY B 25 -8.03 -5.44 5.70
N LEU B 26 -6.90 -5.13 6.36
CA LEU B 26 -6.98 -4.43 7.65
C LEU B 26 -5.62 -3.89 8.01
N THR B 27 -5.58 -3.15 9.11
CA THR B 27 -4.36 -2.58 9.60
C THR B 27 -4.05 -3.04 10.99
N ILE B 28 -2.81 -3.43 11.20
CA ILE B 28 -2.36 -3.86 12.51
C ILE B 28 -1.37 -2.84 13.00
N TRP B 29 -1.77 -2.10 14.02
CA TRP B 29 -0.96 -1.08 14.60
C TRP B 29 -0.36 -1.56 15.93
N LEU B 30 0.95 -1.79 15.95
CA LEU B 30 1.59 -2.26 17.18
C LEU B 30 2.05 -1.05 17.95
N THR B 31 1.44 -0.85 19.13
CA THR B 31 1.79 0.27 19.97
C THR B 31 2.49 -0.22 21.25
N GLY B 32 3.35 0.64 21.78
CA GLY B 32 4.10 0.28 22.97
C GLY B 32 5.36 1.12 23.03
N LEU B 33 6.07 1.01 24.16
CA LEU B 33 7.33 1.73 24.36
C LEU B 33 8.35 1.37 23.27
N SER B 34 9.29 2.29 23.04
CA SER B 34 10.32 2.09 22.03
C SER B 34 11.09 0.79 22.18
N ALA B 35 11.31 0.36 23.41
CA ALA B 35 12.09 -0.86 23.64
C ALA B 35 11.22 -2.08 23.91
N SER B 36 9.94 -1.96 23.58
CA SER B 36 9.03 -3.06 23.86
C SER B 36 9.19 -4.27 22.95
N GLY B 37 10.00 -4.14 21.90
CA GLY B 37 10.17 -5.26 21.00
C GLY B 37 9.09 -5.23 19.91
N LYS B 38 8.31 -4.15 19.88
CA LYS B 38 7.24 -4.06 18.88
C LYS B 38 7.78 -4.12 17.43
N SER B 39 8.88 -3.44 17.13
CA SER B 39 9.43 -3.48 15.76
C SER B 39 9.76 -4.90 15.31
N THR B 40 10.28 -5.67 16.26
CA THR B 40 10.64 -7.05 16.02
C THR B 40 9.43 -7.85 15.73
N LEU B 41 8.39 -7.68 16.53
CA LEU B 41 7.17 -8.44 16.28
C LEU B 41 6.54 -8.15 14.90
N ALA B 42 6.63 -6.88 14.47
CA ALA B 42 6.08 -6.44 13.18
C ALA B 42 6.80 -7.22 12.08
N VAL B 43 8.13 -7.24 12.10
CA VAL B 43 8.83 -8.02 11.12
C VAL B 43 8.39 -9.50 11.12
N GLU B 44 8.42 -10.16 12.27
CA GLU B 44 8.05 -11.58 12.28
C GLU B 44 6.64 -11.81 11.86
N LEU B 45 5.76 -10.91 12.29
CA LEU B 45 4.36 -11.02 11.93
C LEU B 45 4.20 -10.96 10.39
N GLU B 46 4.87 -10.01 9.75
CA GLU B 46 4.76 -9.90 8.29
C GLU B 46 5.21 -11.22 7.66
N HIS B 47 6.38 -11.73 8.08
CA HIS B 47 6.92 -13.02 7.60
C HIS B 47 5.89 -14.12 7.69
N GLN B 48 5.35 -14.36 8.87
CA GLN B 48 4.37 -15.43 9.02
C GLN B 48 3.12 -15.28 8.17
N LEU B 49 2.52 -14.09 8.18
CA LEU B 49 1.30 -13.90 7.38
C LEU B 49 1.55 -14.19 5.91
N VAL B 50 2.65 -13.64 5.38
CA VAL B 50 3.02 -13.82 3.97
C VAL B 50 3.46 -15.27 3.70
N ARG B 51 4.43 -15.75 4.47
CA ARG B 51 4.91 -17.14 4.30
C ARG B 51 3.92 -18.20 4.70
N ASP B 52 3.73 -18.35 6.00
CA ASP B 52 2.86 -19.37 6.57
C ASP B 52 1.38 -19.25 6.29
N ARG B 53 0.83 -18.05 6.25
CA ARG B 53 -0.59 -18.00 5.97
C ARG B 53 -0.92 -17.73 4.49
N ARG B 54 0.12 -17.55 3.68
CA ARG B 54 -0.08 -17.31 2.25
C ARG B 54 -0.96 -16.10 1.94
N VAL B 55 -0.84 -15.05 2.74
CA VAL B 55 -1.70 -13.87 2.55
C VAL B 55 -0.90 -12.61 2.18
N HIS B 56 -1.59 -11.57 1.69
CA HIS B 56 -0.83 -10.36 1.35
C HIS B 56 -0.73 -9.52 2.58
N ALA B 57 0.48 -9.20 3.01
CA ALA B 57 0.65 -8.34 4.17
C ALA B 57 1.85 -7.47 3.88
N TYR B 58 1.87 -6.28 4.47
CA TYR B 58 3.00 -5.37 4.26
C TYR B 58 3.36 -4.49 5.46
N ARG B 59 4.63 -4.50 5.84
CA ARG B 59 5.11 -3.70 6.96
C ARG B 59 5.43 -2.26 6.54
N LEU B 60 4.73 -1.30 7.12
CA LEU B 60 4.94 0.09 6.81
C LEU B 60 5.83 0.62 7.94
N ASP B 61 7.00 0.03 8.04
CA ASP B 61 7.99 0.48 9.02
C ASP B 61 9.27 0.53 8.19
N GLY B 62 10.18 1.36 8.66
CA GLY B 62 11.46 1.36 8.02
C GLY B 62 11.87 2.60 7.30
N ASP B 63 13.10 2.49 6.83
CA ASP B 63 13.75 3.53 6.09
C ASP B 63 13.03 3.84 4.76
N ASN B 64 12.36 2.85 4.17
CA ASN B 64 11.67 3.06 2.88
C ASN B 64 10.65 4.19 3.01
N ILE B 65 9.99 4.23 4.15
CA ILE B 65 9.03 5.28 4.48
C ILE B 65 9.72 6.58 4.94
N ARG B 66 10.58 6.48 5.93
CA ARG B 66 11.29 7.61 6.48
C ARG B 66 12.09 8.40 5.45
N PHE B 67 12.64 7.70 4.46
CA PHE B 67 13.42 8.38 3.46
C PHE B 67 12.73 8.41 2.11
N GLY B 68 11.46 8.00 2.06
CA GLY B 68 10.75 8.01 0.80
C GLY B 68 9.56 8.97 0.93
N LEU B 69 8.39 8.40 1.18
CA LEU B 69 7.15 9.19 1.31
C LEU B 69 7.28 10.30 2.36
N ASN B 70 7.93 10.00 3.49
CA ASN B 70 8.08 10.98 4.56
C ASN B 70 9.44 11.62 4.64
N LYS B 71 10.15 11.69 3.51
CA LYS B 71 11.50 12.24 3.56
C LYS B 71 11.48 13.77 3.90
N ASP B 72 10.33 14.42 3.76
CA ASP B 72 10.20 15.85 4.03
C ASP B 72 9.87 16.12 5.50
N LEU B 73 9.71 15.07 6.29
CA LEU B 73 9.35 15.24 7.69
C LEU B 73 10.52 14.97 8.65
N GLY B 74 10.55 15.76 9.71
CA GLY B 74 11.58 15.67 10.74
C GLY B 74 11.05 15.29 12.14
N PHE B 75 11.63 15.89 13.20
CA PHE B 75 11.29 15.65 14.61
C PHE B 75 10.24 16.62 15.22
N SER B 76 9.86 17.63 14.45
CA SER B 76 8.80 18.63 14.75
C SER B 76 7.65 17.86 15.39
N GLU B 77 6.87 18.53 16.24
CA GLU B 77 5.74 17.82 16.84
C GLU B 77 4.70 17.75 15.73
N ALA B 78 4.61 18.80 14.93
CA ALA B 78 3.70 18.78 13.81
C ALA B 78 4.18 17.67 12.81
N ASP B 79 5.49 17.48 12.67
CA ASP B 79 5.99 16.50 11.69
C ASP B 79 5.69 15.11 12.21
N ARG B 80 5.83 14.94 13.51
CA ARG B 80 5.53 13.67 14.12
C ARG B 80 4.07 13.31 13.85
N ASN B 81 3.17 14.24 14.08
CA ASN B 81 1.74 13.99 13.86
C ASN B 81 1.44 13.68 12.36
N GLU B 82 2.11 14.41 11.50
CA GLU B 82 1.93 14.23 10.05
C GLU B 82 2.52 12.87 9.65
N ASN B 83 3.64 12.49 10.29
CA ASN B 83 4.23 11.18 9.97
C ASN B 83 3.15 10.12 10.23
N ILE B 84 2.56 10.21 11.41
CA ILE B 84 1.51 9.28 11.82
C ILE B 84 0.31 9.35 10.91
N ARG B 85 -0.13 10.56 10.54
CA ARG B 85 -1.31 10.65 9.66
C ARG B 85 -1.09 9.99 8.30
N ARG B 86 0.06 10.23 7.71
CA ARG B 86 0.34 9.65 6.41
C ARG B 86 0.48 8.14 6.49
N ILE B 87 1.14 7.65 7.52
CA ILE B 87 1.25 6.20 7.60
C ILE B 87 -0.14 5.60 7.76
N ALA B 88 -1.00 6.24 8.54
CA ALA B 88 -2.35 5.69 8.71
C ALA B 88 -3.12 5.72 7.39
N GLU B 89 -2.93 6.74 6.58
CA GLU B 89 -3.67 6.79 5.35
C GLU B 89 -3.14 5.75 4.41
N VAL B 90 -1.82 5.59 4.39
CA VAL B 90 -1.26 4.59 3.48
C VAL B 90 -1.69 3.19 3.94
N ALA B 91 -1.74 2.96 5.27
CA ALA B 91 -2.17 1.63 5.79
C ALA B 91 -3.61 1.46 5.36
N LYS B 92 -4.40 2.54 5.38
CA LYS B 92 -5.80 2.35 4.95
C LYS B 92 -5.91 1.94 3.50
N LEU B 93 -5.01 2.47 2.66
CA LEU B 93 -5.00 2.12 1.24
C LEU B 93 -4.67 0.61 1.12
N PHE B 94 -3.65 0.14 1.84
CA PHE B 94 -3.31 -1.30 1.81
C PHE B 94 -4.53 -2.11 2.28
N ALA B 95 -5.19 -1.69 3.33
CA ALA B 95 -6.38 -2.44 3.79
C ALA B 95 -7.49 -2.39 2.75
N ASP B 96 -7.61 -1.27 2.04
CA ASP B 96 -8.64 -1.13 1.02
C ASP B 96 -8.38 -2.09 -0.11
N SER B 97 -7.10 -2.40 -0.33
CA SER B 97 -6.67 -3.30 -1.39
C SER B 97 -6.74 -4.74 -0.93
N ASN B 98 -7.26 -4.97 0.27
CA ASN B 98 -7.34 -6.30 0.86
C ASN B 98 -6.00 -6.88 1.20
N SER B 99 -5.21 -6.06 1.87
CA SER B 99 -3.91 -6.42 2.36
C SER B 99 -3.87 -6.17 3.85
N ILE B 100 -2.91 -6.75 4.51
CA ILE B 100 -2.77 -6.51 5.93
C ILE B 100 -1.62 -5.61 6.12
N ALA B 101 -1.94 -4.37 6.50
CA ALA B 101 -0.94 -3.37 6.68
C ALA B 101 -0.41 -3.55 8.07
N ILE B 102 0.89 -3.40 8.22
CA ILE B 102 1.45 -3.56 9.54
C ILE B 102 2.33 -2.41 9.94
N THR B 103 2.11 -1.81 11.10
CA THR B 103 3.09 -0.78 11.46
C THR B 103 3.37 -0.73 12.95
N SER B 104 4.60 -0.34 13.30
CA SER B 104 4.96 -0.17 14.70
C SER B 104 5.49 1.27 14.85
N PHE B 105 5.20 2.13 13.87
CA PHE B 105 5.69 3.53 13.96
C PHE B 105 5.40 4.18 15.34
N ILE B 106 6.35 5.00 15.79
CA ILE B 106 6.21 5.71 17.08
C ILE B 106 4.99 6.60 17.08
N SER B 107 4.15 6.34 18.09
CA SER B 107 2.88 7.01 18.33
C SER B 107 2.61 6.82 19.85
N PRO B 108 3.33 7.55 20.69
CA PRO B 108 3.23 7.49 22.15
C PRO B 108 1.87 7.68 22.79
N TYR B 109 1.03 8.48 22.14
CA TYR B 109 -0.29 8.80 22.66
C TYR B 109 -1.50 8.13 22.11
N ARG B 110 -2.54 8.06 22.93
CA ARG B 110 -3.78 7.39 22.51
C ARG B 110 -4.40 8.17 21.37
N LYS B 111 -4.27 9.48 21.43
CA LYS B 111 -4.82 10.34 20.38
C LYS B 111 -4.19 9.92 19.04
N ASP B 112 -2.89 9.59 19.06
CA ASP B 112 -2.16 9.16 17.85
C ASP B 112 -2.82 7.97 17.16
N ARG B 113 -2.98 6.89 17.91
CA ARG B 113 -3.60 5.68 17.37
C ARG B 113 -5.10 5.90 17.14
N ASP B 114 -5.73 6.71 17.99
CA ASP B 114 -7.14 6.98 17.81
C ASP B 114 -7.35 7.74 16.48
N THR B 115 -6.38 8.58 16.12
CA THR B 115 -6.48 9.32 14.84
C THR B 115 -6.45 8.29 13.72
N ALA B 116 -5.51 7.36 13.82
CA ALA B 116 -5.40 6.34 12.77
C ALA B 116 -6.64 5.47 12.71
N ARG B 117 -7.14 5.11 13.89
CA ARG B 117 -8.30 4.24 13.95
C ARG B 117 -9.48 4.93 13.30
N GLN B 118 -9.64 6.22 13.61
CA GLN B 118 -10.75 7.00 13.06
C GLN B 118 -10.81 6.95 11.53
N LEU B 119 -9.67 7.13 10.86
CA LEU B 119 -9.64 7.04 9.40
C LEU B 119 -10.07 5.69 8.92
N HIS B 120 -9.70 4.65 9.66
CA HIS B 120 -10.05 3.30 9.23
C HIS B 120 -11.51 2.96 9.40
N GLU B 121 -12.08 3.41 10.50
CA GLU B 121 -13.49 3.11 10.79
C GLU B 121 -14.48 4.01 10.03
N VAL B 122 -13.96 5.07 9.39
CA VAL B 122 -14.80 5.95 8.61
C VAL B 122 -15.23 5.27 7.31
N ALA B 123 -16.54 5.16 7.13
CA ALA B 123 -17.15 4.52 5.96
C ALA B 123 -16.51 4.97 4.65
N THR B 124 -15.88 4.01 3.95
CA THR B 124 -15.21 4.25 2.67
C THR B 124 -16.24 4.32 1.54
N PRO B 125 -15.90 5.04 0.45
CA PRO B 125 -16.78 5.21 -0.72
C PRO B 125 -17.49 3.95 -1.23
N GLY B 126 -18.82 3.98 -1.18
CA GLY B 126 -19.59 2.84 -1.65
C GLY B 126 -19.99 1.91 -0.52
N GLU B 127 -19.06 1.64 0.38
CA GLU B 127 -19.31 0.79 1.53
C GLU B 127 -19.87 1.63 2.66
N GLU B 128 -20.76 1.04 3.46
CA GLU B 128 -21.35 1.74 4.61
C GLU B 128 -20.55 1.33 5.83
N THR B 129 -19.27 1.03 5.62
CA THR B 129 -18.41 0.57 6.70
C THR B 129 -16.95 0.97 6.52
N GLY B 130 -16.22 0.98 7.63
CA GLY B 130 -14.79 1.28 7.61
C GLY B 130 -14.03 -0.01 7.41
N LEU B 131 -12.75 -0.05 7.79
CA LEU B 131 -11.94 -1.29 7.61
C LEU B 131 -11.38 -1.56 8.99
N PRO B 132 -11.14 -2.84 9.34
CA PRO B 132 -10.62 -3.16 10.68
C PRO B 132 -9.28 -2.53 11.07
N PHE B 133 -9.24 -1.95 12.27
CA PHE B 133 -8.04 -1.34 12.81
C PHE B 133 -7.70 -2.14 14.06
N VAL B 134 -6.64 -2.92 13.97
CA VAL B 134 -6.20 -3.74 15.08
C VAL B 134 -5.04 -3.17 15.89
N GLU B 135 -5.37 -2.63 17.03
CA GLU B 135 -4.36 -2.07 17.91
C GLU B 135 -3.81 -3.14 18.87
N VAL B 136 -2.54 -3.51 18.65
CA VAL B 136 -1.85 -4.53 19.45
C VAL B 136 -0.94 -3.86 20.49
N TYR B 137 -1.25 -4.01 21.78
CA TYR B 137 -0.41 -3.43 22.82
C TYR B 137 0.75 -4.40 23.12
N VAL B 138 1.98 -4.00 22.77
CA VAL B 138 3.15 -4.83 23.01
C VAL B 138 3.60 -4.22 24.34
N ASP B 139 3.12 -4.85 25.40
CA ASP B 139 3.28 -4.44 26.80
C ASP B 139 4.52 -4.99 27.50
N VAL B 140 5.35 -4.08 27.95
CA VAL B 140 6.56 -4.40 28.65
C VAL B 140 6.57 -3.34 29.78
N PRO B 141 7.09 -3.68 30.99
CA PRO B 141 7.08 -2.62 31.99
C PRO B 141 8.07 -1.53 31.64
N VAL B 142 7.78 -0.33 32.10
CA VAL B 142 8.64 0.79 31.79
C VAL B 142 10.10 0.61 32.20
N GLU B 143 10.36 0.02 33.37
CA GLU B 143 11.73 -0.15 33.81
C GLU B 143 12.49 -1.06 32.86
N VAL B 144 11.80 -2.04 32.29
CA VAL B 144 12.41 -2.97 31.34
C VAL B 144 12.84 -2.25 30.06
N ALA B 145 11.97 -1.37 29.57
CA ALA B 145 12.29 -0.61 28.38
C ALA B 145 13.53 0.20 28.72
N GLU B 146 13.43 1.01 29.76
CA GLU B 146 14.52 1.87 30.19
C GLU B 146 15.86 1.17 30.52
N GLN B 147 15.93 -0.14 30.32
CA GLN B 147 17.17 -0.88 30.57
C GLN B 147 18.11 -0.65 29.38
N ARG B 148 18.12 0.58 28.88
CA ARG B 148 18.96 1.01 27.76
C ARG B 148 19.00 2.54 27.69
N ALA B 170 4.37 13.74 28.29
CA ALA B 170 5.33 13.25 27.36
C ALA B 170 5.60 11.75 27.53
N PRO B 171 4.85 11.06 28.42
CA PRO B 171 5.10 9.63 28.60
C PRO B 171 4.19 8.80 27.71
N TYR B 172 4.67 7.64 27.30
CA TYR B 172 3.89 6.73 26.49
C TYR B 172 2.55 6.47 27.17
N GLU B 173 1.47 6.43 26.40
CA GLU B 173 0.15 6.17 26.93
C GLU B 173 -0.35 4.85 26.39
N ALA B 174 -0.48 3.87 27.28
CA ALA B 174 -0.94 2.55 26.90
C ALA B 174 -2.35 2.77 26.46
N PRO B 175 -2.84 1.93 25.53
CA PRO B 175 -4.21 2.00 25.00
C PRO B 175 -5.21 1.54 26.03
N ALA B 176 -6.32 2.27 26.05
CA ALA B 176 -7.40 1.97 26.95
C ALA B 176 -7.89 0.56 26.69
N ASN B 177 -8.24 0.30 25.44
CA ASN B 177 -8.79 -1.00 25.14
C ASN B 177 -8.36 -1.59 23.79
N PRO B 178 -7.13 -2.10 23.71
CA PRO B 178 -6.54 -2.70 22.51
C PRO B 178 -7.18 -4.01 22.10
N GLU B 179 -7.16 -4.29 20.79
CA GLU B 179 -7.72 -5.54 20.27
C GLU B 179 -6.89 -6.73 20.78
N VAL B 180 -5.57 -6.55 20.85
CA VAL B 180 -4.71 -7.61 21.34
C VAL B 180 -3.78 -7.01 22.38
N HIS B 181 -3.61 -7.72 23.50
CA HIS B 181 -2.75 -7.22 24.54
C HIS B 181 -1.68 -8.28 24.73
N VAL B 182 -0.46 -7.95 24.32
CA VAL B 182 0.64 -8.89 24.39
C VAL B 182 1.49 -8.56 25.62
N LYS B 183 1.54 -9.49 26.57
CA LYS B 183 2.35 -9.30 27.79
C LYS B 183 3.66 -9.82 27.28
N ASN B 184 4.45 -8.90 26.76
CA ASN B 184 5.68 -9.23 26.12
C ASN B 184 6.91 -9.39 27.00
N TYR B 185 6.81 -9.12 28.30
CA TYR B 185 8.01 -9.26 29.12
C TYR B 185 8.58 -10.65 28.98
N GLU B 186 9.87 -10.72 28.67
CA GLU B 186 10.50 -12.02 28.49
C GLU B 186 9.56 -13.03 27.79
N LEU B 187 8.80 -12.59 26.78
CA LEU B 187 7.92 -13.52 26.05
C LEU B 187 8.54 -13.76 24.67
N PRO B 188 8.60 -15.03 24.21
CA PRO B 188 9.21 -15.29 22.90
C PRO B 188 8.46 -14.69 21.72
N VAL B 189 9.21 -14.23 20.72
CA VAL B 189 8.63 -13.62 19.51
C VAL B 189 7.51 -14.46 18.91
N GLN B 190 7.75 -15.76 18.77
CA GLN B 190 6.78 -16.68 18.19
C GLN B 190 5.45 -16.70 18.94
N ASP B 191 5.55 -16.60 20.26
CA ASP B 191 4.35 -16.65 21.07
C ASP B 191 3.52 -15.40 20.90
N ALA B 192 4.20 -14.25 20.83
CA ALA B 192 3.51 -12.97 20.67
C ALA B 192 2.77 -12.98 19.31
N VAL B 193 3.53 -13.30 18.27
CA VAL B 193 2.99 -13.35 16.93
C VAL B 193 1.82 -14.29 16.86
N LYS B 194 1.97 -15.49 17.43
CA LYS B 194 0.88 -16.45 17.42
C LYS B 194 -0.35 -15.85 18.07
N GLN B 195 -0.17 -15.19 19.20
CA GLN B 195 -1.31 -14.57 19.86
C GLN B 195 -1.96 -13.53 18.90
N ILE B 196 -1.16 -12.81 18.13
CA ILE B 196 -1.76 -11.80 17.23
C ILE B 196 -2.50 -12.50 16.13
N ILE B 197 -1.83 -13.45 15.48
CA ILE B 197 -2.51 -14.17 14.43
C ILE B 197 -3.74 -14.92 14.92
N ASP B 198 -3.67 -15.60 16.06
CA ASP B 198 -4.87 -16.33 16.51
C ASP B 198 -6.03 -15.31 16.68
N TYR B 199 -5.72 -14.12 17.18
CA TYR B 199 -6.79 -13.13 17.30
C TYR B 199 -7.37 -12.82 15.91
N LEU B 200 -6.50 -12.69 14.91
CA LEU B 200 -6.93 -12.39 13.54
C LEU B 200 -7.93 -13.48 13.14
N ASP B 201 -7.59 -14.73 13.44
CA ASP B 201 -8.50 -15.85 13.12
C ASP B 201 -9.83 -15.85 13.85
N THR B 202 -9.84 -15.43 15.10
CA THR B 202 -11.10 -15.39 15.82
C THR B 202 -12.04 -14.42 15.11
N LYS B 203 -11.45 -13.61 14.23
CA LYS B 203 -12.20 -12.59 13.47
C LYS B 203 -12.48 -13.04 12.04
N GLY B 204 -11.77 -14.09 11.62
CA GLY B 204 -11.94 -14.63 10.28
C GLY B 204 -11.21 -13.82 9.22
N TYR B 205 -10.44 -12.85 9.68
CA TYR B 205 -9.71 -12.00 8.75
C TYR B 205 -8.88 -12.80 7.77
N LEU B 206 -8.44 -14.00 8.15
CA LEU B 206 -7.57 -14.76 7.29
C LEU B 206 -8.21 -15.98 6.66
N PRO B 207 -7.54 -16.55 5.66
CA PRO B 207 -8.11 -17.73 5.02
C PRO B 207 -7.54 -18.93 5.79
N ALA B 208 -8.31 -20.00 5.86
CA ALA B 208 -7.86 -21.19 6.58
C ALA B 208 -6.44 -21.63 6.22
N LYS B 209 -5.67 -21.95 7.26
CA LYS B 209 -4.29 -22.40 7.16
C LYS B 209 -4.20 -23.52 6.11
N LYS B 210 -3.03 -23.66 5.48
CA LYS B 210 -2.81 -24.65 4.43
C LYS B 210 -2.54 -26.09 4.92
O1 TLA C . -7.67 9.62 -12.48
O11 TLA C . -6.45 9.98 -10.54
C1 TLA C . -7.02 10.35 -11.60
C2 TLA C . -7.05 11.81 -12.06
O2 TLA C . -6.16 12.54 -11.21
C3 TLA C . -8.48 12.30 -11.93
O3 TLA C . -9.03 11.94 -10.60
C4 TLA C . -8.44 13.81 -12.13
O4 TLA C . -8.34 14.09 -13.40
O41 TLA C . -8.47 14.61 -11.24
#